data_7WRO
#
_entry.id   7WRO
#
_cell.length_a   1.00
_cell.length_b   1.00
_cell.length_c   1.00
_cell.angle_alpha   90.00
_cell.angle_beta   90.00
_cell.angle_gamma   90.00
#
_symmetry.space_group_name_H-M   'P 1'
#
loop_
_entity.id
_entity.type
_entity.pdbx_description
1 polymer 3372H
2 polymer 3372L
3 polymer 'Spike protein S1'
#
loop_
_entity_poly.entity_id
_entity_poly.type
_entity_poly.pdbx_seq_one_letter_code
_entity_poly.pdbx_strand_id
1 'polypeptide(L)'
;EVHLVESGGGLVKPGGSLRLSCAASGFTFSNYAMNWVRQAPGKGLQWVSSITGSSSFIFYADSVKGRFTIVRDNAQNSLY
LQMNSLRDEDTAVYYCARERDDYDTRLDWGQGTLVTVS
;
H
2 'polypeptide(L)'
;PMLTQPPSVSGAPGQTVTISCVGSSSNIGAGYEVHWYQQLPGTAPKRLLSGNSDRPSGVPDRFSGSKSGTSASLAITGLQ
ADDEADYYCQSYDSSLSLSAVVFGGGTKLTV
;
L
3 'polypeptide(L)'
;NLCPFGEVFNATRFASVYAWNRKRISNCVADYSVLYNSASFSTFKCYGVSPTKLNDLCFTNVYADSFVIRGDEVRQIAPG
QTGKIADYNYKLPDDFTGCVIAWNSNNLDSKVGGNYNYRYRLFRKSNLKPFERDISTEIYQAGSKPCNGVEGFNCYFPLQ
SYGFQPTNGVGYQPYRVVVLSFE
;
R
#
# COMPACT_ATOMS: atom_id res chain seq x y z
N GLU A 1 -20.56 0.05 -7.23
CA GLU A 1 -21.15 -0.22 -5.94
C GLU A 1 -20.17 -0.95 -5.04
N VAL A 2 -19.41 -0.19 -4.25
CA VAL A 2 -18.45 -0.78 -3.33
C VAL A 2 -19.09 -0.92 -1.96
N HIS A 3 -19.07 -2.13 -1.41
CA HIS A 3 -19.81 -2.47 -0.20
C HIS A 3 -18.85 -2.95 0.88
N LEU A 4 -18.65 -2.12 1.91
CA LEU A 4 -17.96 -2.53 3.12
C LEU A 4 -18.96 -2.39 4.27
N VAL A 5 -19.25 -3.49 4.94
CA VAL A 5 -20.15 -3.51 6.09
C VAL A 5 -19.47 -4.32 7.20
N GLU A 6 -19.62 -3.85 8.43
CA GLU A 6 -18.95 -4.43 9.58
C GLU A 6 -19.95 -5.14 10.48
N SER A 7 -19.41 -5.97 11.37
CA SER A 7 -20.23 -6.71 12.33
C SER A 7 -19.38 -7.16 13.50
N GLY A 8 -19.84 -6.89 14.73
CA GLY A 8 -19.15 -7.39 15.89
C GLY A 8 -18.97 -6.36 17.00
N GLY A 9 -19.18 -5.09 16.69
CA GLY A 9 -18.96 -4.05 17.68
C GLY A 9 -20.08 -4.01 18.70
N GLY A 10 -19.72 -3.91 19.97
CA GLY A 10 -20.70 -3.88 21.04
C GLY A 10 -20.05 -3.49 22.35
N LEU A 11 -20.88 -3.31 23.37
CA LEU A 11 -20.39 -2.85 24.66
C LEU A 11 -19.64 -3.96 25.37
N VAL A 12 -18.39 -3.67 25.73
CA VAL A 12 -17.49 -4.60 26.40
C VAL A 12 -16.95 -3.89 27.64
N LYS A 13 -16.71 -4.67 28.69
CA LYS A 13 -16.02 -4.13 29.86
C LYS A 13 -14.60 -3.71 29.48
N PRO A 14 -14.08 -2.63 30.09
CA PRO A 14 -12.70 -2.22 29.80
C PRO A 14 -11.69 -3.27 30.26
N GLY A 15 -10.66 -3.46 29.45
CA GLY A 15 -9.80 -4.61 29.60
C GLY A 15 -10.35 -5.88 28.99
N GLY A 16 -11.50 -5.82 28.33
CA GLY A 16 -12.11 -6.99 27.75
C GLY A 16 -11.56 -7.31 26.38
N SER A 17 -12.44 -7.78 25.49
CA SER A 17 -12.01 -8.14 24.14
C SER A 17 -13.21 -8.10 23.21
N LEU A 18 -12.91 -8.06 21.91
CA LEU A 18 -13.92 -8.08 20.86
C LEU A 18 -13.25 -8.55 19.57
N ARG A 19 -14.02 -8.57 18.49
CA ARG A 19 -13.48 -8.78 17.14
C ARG A 19 -14.46 -8.16 16.16
N LEU A 20 -14.15 -6.99 15.64
CA LEU A 20 -14.95 -6.41 14.57
C LEU A 20 -14.54 -7.00 13.22
N SER A 21 -15.51 -7.58 12.54
CA SER A 21 -15.34 -8.08 11.19
C SER A 21 -15.68 -6.97 10.20
N CYS A 22 -15.45 -7.25 8.92
CA CYS A 22 -15.77 -6.29 7.87
C CYS A 22 -15.99 -7.07 6.58
N ALA A 23 -17.25 -7.23 6.20
CA ALA A 23 -17.56 -7.91 4.95
C ALA A 23 -17.25 -7.01 3.76
N ALA A 24 -17.00 -7.62 2.62
CA ALA A 24 -16.63 -6.89 1.42
C ALA A 24 -17.39 -7.43 0.22
N SER A 25 -17.77 -6.51 -0.68
CA SER A 25 -18.39 -6.88 -1.94
C SER A 25 -18.17 -5.75 -2.93
N GLY A 26 -18.29 -6.08 -4.21
CA GLY A 26 -18.18 -5.08 -5.25
C GLY A 26 -16.79 -4.76 -5.72
N PHE A 27 -15.78 -5.47 -5.23
CA PHE A 27 -14.40 -5.22 -5.64
C PHE A 27 -13.56 -6.46 -5.38
N THR A 28 -12.38 -6.48 -5.97
CA THR A 28 -11.40 -7.51 -5.68
C THR A 28 -10.80 -7.24 -4.31
N PHE A 29 -11.11 -8.09 -3.34
CA PHE A 29 -10.61 -7.90 -1.98
C PHE A 29 -9.11 -8.12 -1.90
N SER A 30 -8.60 -9.09 -2.65
CA SER A 30 -7.19 -9.45 -2.58
C SER A 30 -6.28 -8.41 -3.21
N ASN A 31 -6.81 -7.47 -3.97
CA ASN A 31 -5.99 -6.53 -4.70
C ASN A 31 -5.68 -5.28 -3.87
N TYR A 32 -6.70 -4.61 -3.36
CA TYR A 32 -6.49 -3.37 -2.64
C TYR A 32 -6.08 -3.63 -1.19
N ALA A 33 -5.61 -2.57 -0.56
CA ALA A 33 -5.28 -2.60 0.85
C ALA A 33 -6.55 -2.46 1.68
N MET A 34 -6.40 -2.50 3.00
CA MET A 34 -7.54 -2.36 3.87
C MET A 34 -7.13 -1.62 5.13
N ASN A 35 -8.01 -0.76 5.61
CA ASN A 35 -7.74 0.06 6.76
C ASN A 35 -8.82 -0.16 7.81
N TRP A 36 -8.41 -0.12 9.07
CA TRP A 36 -9.33 0.00 10.19
C TRP A 36 -9.05 1.36 10.83
N VAL A 37 -10.10 2.15 10.98
CA VAL A 37 -10.00 3.53 11.43
C VAL A 37 -11.29 3.90 12.13
N ARG A 38 -11.18 4.64 13.24
CA ARG A 38 -12.35 4.88 14.08
C ARG A 38 -12.60 6.36 14.23
N GLN A 39 -13.74 6.68 14.84
CA GLN A 39 -14.07 8.05 15.21
C GLN A 39 -14.77 8.05 16.57
N ALA A 40 -14.07 8.56 17.59
CA ALA A 40 -14.70 8.76 18.88
C ALA A 40 -15.76 9.87 18.76
N PRO A 41 -16.83 9.82 19.55
CA PRO A 41 -17.86 10.86 19.47
C PRO A 41 -17.32 12.21 19.95
N GLY A 42 -17.58 13.24 19.17
CA GLY A 42 -16.98 14.54 19.42
C GLY A 42 -15.48 14.55 19.21
N LYS A 43 -15.01 13.84 18.18
CA LYS A 43 -13.59 13.73 17.89
C LYS A 43 -13.44 13.49 16.39
N GLY A 44 -12.25 13.76 15.86
CA GLY A 44 -11.95 13.47 14.47
C GLY A 44 -11.58 12.02 14.26
N LEU A 45 -11.20 11.72 13.02
CA LEU A 45 -10.83 10.35 12.65
C LEU A 45 -9.38 10.09 13.02
N GLN A 46 -9.15 9.02 13.77
CA GLN A 46 -7.81 8.58 14.11
C GLN A 46 -7.55 7.23 13.44
N TRP A 47 -6.46 7.16 12.67
CA TRP A 47 -6.07 5.93 12.01
C TRP A 47 -5.63 4.90 13.03
N VAL A 48 -6.01 3.65 12.82
CA VAL A 48 -5.87 2.61 13.84
C VAL A 48 -4.97 1.47 13.35
N SER A 49 -5.31 0.83 12.24
CA SER A 49 -4.47 -0.23 11.68
C SER A 49 -4.70 -0.31 10.18
N SER A 50 -3.69 -0.81 9.48
CA SER A 50 -3.76 -1.00 8.04
C SER A 50 -3.17 -2.34 7.68
N ILE A 51 -3.75 -2.95 6.64
CA ILE A 51 -3.25 -4.18 6.05
C ILE A 51 -3.37 -4.02 4.54
N THR A 52 -2.53 -4.74 3.82
CA THR A 52 -2.54 -4.68 2.36
C THR A 52 -2.99 -6.01 1.77
N GLY A 53 -3.00 -6.06 0.43
CA GLY A 53 -3.67 -7.14 -0.25
C GLY A 53 -3.01 -8.49 -0.10
N SER A 54 -1.69 -8.52 -0.12
CA SER A 54 -0.95 -9.73 0.20
C SER A 54 -0.74 -9.89 1.69
N SER A 55 -1.12 -8.89 2.48
CA SER A 55 -0.91 -8.79 3.93
C SER A 55 0.56 -8.89 4.31
N SER A 56 1.46 -8.49 3.42
CA SER A 56 2.88 -8.42 3.73
C SER A 56 3.26 -7.12 4.40
N PHE A 57 2.32 -6.19 4.54
CA PHE A 57 2.56 -4.91 5.20
C PHE A 57 1.42 -4.70 6.19
N ILE A 58 1.71 -4.91 7.47
CA ILE A 58 0.73 -4.73 8.54
C ILE A 58 1.26 -3.65 9.47
N PHE A 59 0.46 -2.60 9.68
CA PHE A 59 0.90 -1.45 10.45
C PHE A 59 -0.15 -1.04 11.45
N TYR A 60 0.30 -0.53 12.60
CA TYR A 60 -0.55 -0.18 13.73
C TYR A 60 -0.22 1.23 14.18
N ALA A 61 -1.23 1.91 14.71
CA ALA A 61 -1.00 3.21 15.32
C ALA A 61 -0.24 3.03 16.63
N ASP A 62 0.46 4.10 17.05
CA ASP A 62 1.30 4.03 18.23
C ASP A 62 0.47 3.81 19.50
N SER A 63 -0.75 4.34 19.52
CA SER A 63 -1.61 4.19 20.68
C SER A 63 -2.14 2.77 20.83
N VAL A 64 -2.13 1.98 19.76
CA VAL A 64 -2.72 0.64 19.80
C VAL A 64 -1.69 -0.40 19.37
N LYS A 65 -0.42 -0.01 19.34
CA LYS A 65 0.63 -0.89 18.84
C LYS A 65 0.93 -1.98 19.84
N GLY A 66 0.91 -3.22 19.39
CA GLY A 66 1.06 -4.36 20.27
C GLY A 66 -0.20 -4.74 20.99
N ARG A 67 -1.29 -4.02 20.76
CA ARG A 67 -2.56 -4.29 21.43
C ARG A 67 -3.53 -5.03 20.51
N PHE A 68 -3.53 -4.68 19.22
CA PHE A 68 -4.50 -5.19 18.27
C PHE A 68 -3.78 -6.12 17.31
N THR A 69 -4.54 -6.97 16.63
CA THR A 69 -4.03 -7.68 15.46
C THR A 69 -5.10 -7.58 14.38
N ILE A 70 -4.80 -6.85 13.31
CA ILE A 70 -5.67 -6.84 12.14
C ILE A 70 -5.38 -8.09 11.31
N VAL A 71 -6.43 -8.84 11.00
CA VAL A 71 -6.31 -10.06 10.22
C VAL A 71 -7.30 -9.99 9.08
N ARG A 72 -6.85 -10.35 7.88
CA ARG A 72 -7.73 -10.35 6.72
C ARG A 72 -7.75 -11.74 6.11
N ASP A 73 -8.80 -12.01 5.34
CA ASP A 73 -8.96 -13.27 4.63
C ASP A 73 -9.21 -12.94 3.17
N ASN A 74 -8.20 -13.22 2.33
CA ASN A 74 -8.21 -12.76 0.94
C ASN A 74 -9.25 -13.48 0.08
N ALA A 75 -9.73 -14.65 0.50
CA ALA A 75 -10.69 -15.40 -0.28
C ALA A 75 -12.11 -15.34 0.27
N GLN A 76 -12.27 -15.03 1.56
CA GLN A 76 -13.57 -15.05 2.20
C GLN A 76 -14.31 -13.72 2.01
N ASN A 77 -13.68 -12.74 1.35
CA ASN A 77 -14.16 -11.36 1.21
C ASN A 77 -14.42 -10.72 2.57
N SER A 78 -13.58 -11.03 3.55
CA SER A 78 -13.81 -10.59 4.93
C SER A 78 -12.53 -10.07 5.54
N LEU A 79 -12.66 -9.01 6.32
CA LEU A 79 -11.56 -8.41 7.06
C LEU A 79 -11.94 -8.33 8.53
N TYR A 80 -11.03 -8.75 9.41
CA TYR A 80 -11.30 -8.79 10.84
C TYR A 80 -10.35 -7.84 11.54
N LEU A 81 -10.67 -7.50 12.79
CA LEU A 81 -9.75 -6.76 13.65
C LEU A 81 -9.92 -7.29 15.07
N GLN A 82 -8.92 -8.04 15.52
CA GLN A 82 -8.97 -8.67 16.84
C GLN A 82 -8.75 -7.61 17.91
N MET A 83 -9.79 -7.35 18.67
CA MET A 83 -9.82 -6.34 19.71
C MET A 83 -9.48 -6.97 21.05
N ASN A 84 -8.40 -6.52 21.67
CA ASN A 84 -7.99 -7.03 22.99
C ASN A 84 -7.62 -5.88 23.91
N SER A 85 -7.96 -6.04 25.19
CA SER A 85 -7.44 -5.25 26.31
C SER A 85 -7.70 -3.75 26.16
N LEU A 86 -8.97 -3.39 26.23
CA LEU A 86 -9.40 -2.07 25.80
C LEU A 86 -9.17 -1.02 26.89
N ARG A 87 -8.57 0.10 26.49
CA ARG A 87 -8.35 1.23 27.38
C ARG A 87 -9.56 2.16 27.32
N ASP A 88 -9.41 3.35 27.88
CA ASP A 88 -10.55 4.26 27.99
C ASP A 88 -10.90 4.90 26.66
N GLU A 89 -9.90 5.18 25.82
CA GLU A 89 -10.08 6.01 24.64
C GLU A 89 -10.66 5.26 23.44
N ASP A 90 -10.91 3.96 23.55
CA ASP A 90 -11.40 3.20 22.39
C ASP A 90 -12.89 3.30 22.21
N THR A 91 -13.59 4.17 22.93
CA THR A 91 -15.02 4.38 22.70
C THR A 91 -15.19 5.14 21.39
N ALA A 92 -15.56 4.42 20.34
CA ALA A 92 -15.58 5.02 19.01
C ALA A 92 -16.48 4.19 18.10
N VAL A 93 -16.87 4.80 17.00
CA VAL A 93 -17.50 4.07 15.89
C VAL A 93 -16.39 3.69 14.93
N TYR A 94 -16.22 2.40 14.70
CA TYR A 94 -15.08 1.92 13.93
C TYR A 94 -15.47 1.75 12.48
N TYR A 95 -14.74 2.40 11.59
CA TYR A 95 -15.02 2.38 10.16
C TYR A 95 -14.06 1.45 9.46
N CYS A 96 -14.55 0.82 8.40
CA CYS A 96 -13.76 -0.05 7.55
C CYS A 96 -13.50 0.71 6.25
N ALA A 97 -12.25 0.77 5.81
CA ALA A 97 -11.87 1.58 4.67
C ALA A 97 -10.90 0.83 3.77
N ARG A 98 -11.07 0.96 2.46
CA ARG A 98 -10.22 0.29 1.48
C ARG A 98 -9.49 1.31 0.62
N GLU A 99 -8.22 1.05 0.34
CA GLU A 99 -7.46 1.88 -0.60
C GLU A 99 -7.81 1.49 -2.03
N ARG A 100 -7.15 2.13 -3.01
CA ARG A 100 -7.43 1.86 -4.41
C ARG A 100 -6.17 2.02 -5.24
N ASP A 101 -6.07 1.20 -6.31
CA ASP A 101 -4.86 1.14 -7.15
C ASP A 101 -4.49 2.47 -7.78
N ASP A 102 -5.47 3.37 -7.97
CA ASP A 102 -5.25 4.71 -8.47
C ASP A 102 -4.34 5.49 -7.53
N TYR A 103 -4.80 5.77 -6.32
CA TYR A 103 -4.06 6.63 -5.43
C TYR A 103 -3.57 5.97 -4.16
N ASP A 104 -4.24 4.89 -3.68
CA ASP A 104 -3.95 4.18 -2.42
C ASP A 104 -3.88 5.07 -1.19
N THR A 105 -4.40 6.27 -1.31
CA THR A 105 -4.90 7.01 -0.20
C THR A 105 -6.37 7.29 -0.38
N ARG A 106 -6.92 7.09 -1.59
CA ARG A 106 -8.37 7.17 -1.78
C ARG A 106 -9.03 6.06 -0.99
N LEU A 107 -10.04 6.41 -0.21
CA LEU A 107 -10.67 5.45 0.68
C LEU A 107 -12.17 5.38 0.41
N ASP A 108 -12.69 4.16 0.38
CA ASP A 108 -14.12 3.94 0.50
C ASP A 108 -14.41 3.73 1.99
N TRP A 109 -15.67 3.56 2.37
CA TRP A 109 -16.01 3.60 3.79
C TRP A 109 -17.08 2.57 4.11
N GLY A 110 -17.11 2.18 5.38
CA GLY A 110 -18.18 1.37 5.89
C GLY A 110 -19.09 2.18 6.77
N GLN A 111 -20.30 1.67 7.03
CA GLN A 111 -21.29 2.43 7.80
C GLN A 111 -20.93 2.54 9.26
N GLY A 112 -19.99 1.74 9.75
CA GLY A 112 -19.46 1.89 11.09
C GLY A 112 -20.29 1.18 12.14
N THR A 113 -19.64 0.30 12.90
CA THR A 113 -20.27 -0.37 14.03
C THR A 113 -19.59 0.10 15.32
N LEU A 114 -20.41 0.59 16.24
CA LEU A 114 -19.93 1.29 17.42
C LEU A 114 -19.30 0.33 18.41
N VAL A 115 -18.28 0.80 19.11
CA VAL A 115 -17.66 0.09 20.22
C VAL A 115 -17.57 1.08 21.39
N THR A 116 -18.11 0.68 22.54
CA THR A 116 -18.09 1.52 23.73
C THR A 116 -17.63 0.70 24.92
N VAL A 117 -16.64 1.21 25.66
CA VAL A 117 -16.09 0.55 26.85
C VAL A 117 -16.11 1.53 28.02
N SER A 118 -16.61 1.07 29.17
CA SER A 118 -16.67 1.90 30.37
C SER A 118 -16.77 1.07 31.65
N PRO B 1 -4.16 13.57 15.11
CA PRO B 1 -3.94 13.44 13.68
C PRO B 1 -2.53 13.84 13.25
N MET B 2 -1.95 13.10 12.32
CA MET B 2 -0.61 13.42 11.85
C MET B 2 -0.61 14.62 10.90
N LEU B 3 -1.74 14.94 10.30
CA LEU B 3 -1.89 16.19 9.57
C LEU B 3 -2.29 17.29 10.55
N THR B 4 -2.43 18.50 10.03
CA THR B 4 -2.92 19.63 10.81
C THR B 4 -3.95 20.40 9.99
N GLN B 5 -4.78 21.15 10.70
CA GLN B 5 -5.84 21.93 10.08
C GLN B 5 -6.19 23.07 11.03
N PRO B 6 -6.77 24.16 10.54
CA PRO B 6 -7.45 25.10 11.42
C PRO B 6 -8.65 24.42 12.06
N PRO B 7 -9.05 24.85 13.26
CA PRO B 7 -10.15 24.16 13.96
C PRO B 7 -11.49 24.23 13.25
N SER B 8 -11.90 25.41 12.79
CA SER B 8 -13.15 25.55 12.06
C SER B 8 -13.14 26.80 11.19
N VAL B 9 -13.24 26.61 9.88
CA VAL B 9 -13.39 27.71 8.93
C VAL B 9 -14.78 27.62 8.35
N SER B 10 -15.52 28.72 8.39
CA SER B 10 -16.89 28.74 7.93
C SER B 10 -17.26 30.16 7.53
N GLY B 11 -18.33 30.28 6.76
CA GLY B 11 -18.76 31.57 6.29
C GLY B 11 -20.18 31.58 5.77
N ALA B 12 -20.56 32.73 5.23
CA ALA B 12 -21.89 33.01 4.72
C ALA B 12 -22.05 32.40 3.33
N PRO B 13 -23.28 32.12 2.89
CA PRO B 13 -23.46 31.63 1.52
C PRO B 13 -23.10 32.69 0.49
N GLY B 14 -22.70 32.24 -0.69
CA GLY B 14 -22.20 33.13 -1.71
C GLY B 14 -20.75 33.53 -1.53
N GLN B 15 -20.02 32.87 -0.63
CA GLN B 15 -18.64 33.20 -0.33
C GLN B 15 -17.74 32.02 -0.71
N THR B 16 -16.44 32.27 -0.68
CA THR B 16 -15.43 31.24 -0.83
C THR B 16 -14.61 31.15 0.46
N VAL B 17 -14.43 29.92 0.94
CA VAL B 17 -13.63 29.65 2.14
C VAL B 17 -12.57 28.61 1.78
N THR B 18 -11.34 28.87 2.18
CA THR B 18 -10.20 28.01 1.85
C THR B 18 -9.90 27.16 3.07
N ILE B 19 -10.21 25.87 2.98
CA ILE B 19 -9.93 24.93 4.05
C ILE B 19 -8.54 24.35 3.83
N SER B 20 -7.55 24.87 4.54
CA SER B 20 -6.18 24.43 4.34
C SER B 20 -5.94 23.08 4.98
N CYS B 21 -4.80 22.47 4.64
CA CYS B 21 -4.36 21.22 5.25
C CYS B 21 -2.84 21.16 5.07
N VAL B 22 -2.11 21.49 6.13
CA VAL B 22 -0.65 21.58 6.07
C VAL B 22 -0.05 20.45 6.90
N GLY B 23 0.99 19.83 6.36
CA GLY B 23 1.63 18.70 7.01
C GLY B 23 3.11 18.62 6.70
N SER B 24 3.72 17.46 6.98
CA SER B 24 5.15 17.30 6.86
C SER B 24 5.55 16.99 5.41
N SER B 25 6.82 16.69 5.20
CA SER B 25 7.32 16.38 3.86
C SER B 25 6.96 14.96 3.44
N SER B 26 6.77 14.06 4.40
CA SER B 26 6.53 12.66 4.03
C SER B 26 5.12 12.44 3.52
N ASN B 27 4.16 13.22 4.04
CA ASN B 27 2.75 13.01 3.73
C ASN B 27 2.22 13.88 2.58
N ILE B 28 2.45 15.20 2.61
CA ILE B 28 2.06 16.06 1.51
C ILE B 28 3.25 16.33 0.58
N GLY B 29 4.41 16.64 1.14
CA GLY B 29 5.57 17.03 0.36
C GLY B 29 6.21 15.94 -0.47
N ALA B 30 5.80 14.68 -0.27
CA ALA B 30 6.26 13.56 -1.09
C ALA B 30 5.30 13.23 -2.21
N GLY B 31 4.37 14.13 -2.51
CA GLY B 31 3.58 14.03 -3.72
C GLY B 31 2.37 13.14 -3.63
N TYR B 32 2.04 12.63 -2.45
CA TYR B 32 0.86 11.79 -2.30
C TYR B 32 -0.42 12.61 -2.45
N GLU B 33 -1.47 11.95 -2.91
CA GLU B 33 -2.72 12.63 -3.21
C GLU B 33 -3.43 13.06 -1.92
N VAL B 34 -3.99 14.25 -1.95
CA VAL B 34 -4.65 14.84 -0.79
C VAL B 34 -6.15 14.75 -1.05
N HIS B 35 -6.86 14.02 -0.20
CA HIS B 35 -8.28 13.76 -0.37
C HIS B 35 -9.07 14.47 0.71
N TRP B 36 -10.26 14.93 0.33
CA TRP B 36 -11.15 15.64 1.24
C TRP B 36 -12.44 14.86 1.40
N TYR B 37 -12.94 14.77 2.62
CA TYR B 37 -14.07 13.92 2.94
C TYR B 37 -15.15 14.72 3.62
N GLN B 38 -16.38 14.39 3.29
CA GLN B 38 -17.55 15.05 3.84
C GLN B 38 -18.18 14.11 4.85
N GLN B 39 -18.08 14.47 6.13
CA GLN B 39 -18.71 13.68 7.17
C GLN B 39 -19.88 14.48 7.72
N LEU B 40 -21.08 14.09 7.31
CA LEU B 40 -22.28 14.60 7.94
C LEU B 40 -22.39 14.05 9.36
N PRO B 41 -23.03 14.78 10.27
CA PRO B 41 -23.24 14.25 11.62
C PRO B 41 -24.15 13.03 11.63
N GLY B 42 -23.65 11.92 12.16
CA GLY B 42 -24.40 10.68 12.15
C GLY B 42 -24.32 9.90 10.86
N THR B 43 -23.25 10.08 10.10
CA THR B 43 -23.12 9.48 8.78
C THR B 43 -21.66 9.13 8.56
N ALA B 44 -21.41 8.00 7.88
CA ALA B 44 -20.06 7.63 7.50
C ALA B 44 -19.49 8.66 6.53
N PRO B 45 -18.17 8.91 6.56
CA PRO B 45 -17.58 9.89 5.63
C PRO B 45 -17.76 9.50 4.18
N LYS B 46 -17.97 10.52 3.35
CA LYS B 46 -18.16 10.37 1.92
C LYS B 46 -17.15 11.29 1.25
N ARG B 47 -16.32 10.74 0.38
CA ARG B 47 -15.27 11.54 -0.24
C ARG B 47 -15.86 12.47 -1.29
N LEU B 48 -15.20 13.60 -1.47
CA LEU B 48 -15.61 14.56 -2.48
C LEU B 48 -14.46 15.15 -3.26
N LEU B 49 -13.22 14.80 -2.98
CA LEU B 49 -12.13 15.37 -3.74
C LEU B 49 -10.95 14.41 -3.70
N SER B 50 -9.98 14.73 -4.54
CA SER B 50 -8.65 14.16 -4.64
C SER B 50 -7.81 15.39 -4.91
N GLY B 51 -6.70 15.30 -5.62
CA GLY B 51 -5.98 16.48 -6.07
C GLY B 51 -6.78 17.38 -7.00
N ASN B 52 -6.07 18.32 -7.63
CA ASN B 52 -6.53 19.65 -8.04
C ASN B 52 -7.99 19.78 -8.49
N SER B 53 -8.47 18.88 -9.34
CA SER B 53 -9.89 18.90 -9.69
C SER B 53 -10.49 17.51 -9.85
N ASP B 54 -9.95 16.52 -9.16
CA ASP B 54 -10.37 15.14 -9.41
C ASP B 54 -11.57 14.74 -8.57
N ARG B 55 -12.72 15.36 -8.83
CA ARG B 55 -13.94 15.09 -8.09
C ARG B 55 -14.48 13.69 -8.43
N PRO B 56 -15.26 13.08 -7.55
CA PRO B 56 -15.91 11.82 -7.91
C PRO B 56 -17.17 12.05 -8.73
N SER B 57 -17.76 10.96 -9.17
CA SER B 57 -18.93 10.99 -10.05
C SER B 57 -20.17 11.20 -9.21
N GLY B 58 -20.72 12.40 -9.25
CA GLY B 58 -21.95 12.67 -8.54
C GLY B 58 -21.83 13.72 -7.44
N VAL B 59 -20.95 14.70 -7.61
CA VAL B 59 -20.84 15.77 -6.63
C VAL B 59 -20.94 17.10 -7.37
N PRO B 60 -21.52 18.13 -6.78
CA PRO B 60 -21.44 19.46 -7.38
C PRO B 60 -20.01 19.97 -7.46
N ASP B 61 -19.72 20.75 -8.50
CA ASP B 61 -18.36 21.15 -8.83
C ASP B 61 -17.88 22.38 -8.09
N ARG B 62 -18.53 22.75 -6.98
CA ARG B 62 -18.05 23.87 -6.18
C ARG B 62 -16.74 23.51 -5.49
N PHE B 63 -16.59 22.26 -5.06
CA PHE B 63 -15.40 21.79 -4.37
C PHE B 63 -14.26 21.62 -5.34
N SER B 64 -13.42 22.63 -5.46
CA SER B 64 -12.18 22.49 -6.21
C SER B 64 -11.04 22.28 -5.22
N GLY B 65 -9.83 22.08 -5.74
CA GLY B 65 -8.69 21.84 -4.88
C GLY B 65 -7.42 22.39 -5.47
N SER B 66 -6.37 22.35 -4.66
CA SER B 66 -5.06 22.85 -5.07
C SER B 66 -4.01 22.21 -4.18
N LYS B 67 -2.74 22.45 -4.53
CA LYS B 67 -1.61 21.99 -3.73
C LYS B 67 -0.55 23.08 -3.76
N SER B 68 0.09 23.30 -2.61
CA SER B 68 1.07 24.38 -2.52
C SER B 68 2.09 24.04 -1.45
N GLY B 69 3.31 23.69 -1.87
CA GLY B 69 4.38 23.35 -0.96
C GLY B 69 4.12 22.07 -0.20
N THR B 70 3.88 22.19 1.10
CA THR B 70 3.46 21.09 1.95
C THR B 70 2.07 21.34 2.48
N SER B 71 1.18 21.83 1.62
CA SER B 71 -0.16 22.21 2.05
C SER B 71 -1.13 21.91 0.92
N ALA B 72 -2.42 22.11 1.19
CA ALA B 72 -3.47 21.90 0.21
C ALA B 72 -4.64 22.81 0.55
N SER B 73 -5.77 22.61 -0.15
CA SER B 73 -6.91 23.49 0.04
C SER B 73 -8.19 22.80 -0.40
N LEU B 74 -9.30 23.31 0.12
CA LEU B 74 -10.66 22.92 -0.24
C LEU B 74 -11.47 24.20 -0.43
N ALA B 75 -11.03 25.06 -1.34
CA ALA B 75 -11.80 26.24 -1.71
C ALA B 75 -13.19 25.85 -2.21
N ILE B 76 -14.20 26.22 -1.45
CA ILE B 76 -15.60 25.98 -1.82
C ILE B 76 -16.24 27.34 -2.06
N THR B 77 -16.62 27.62 -3.30
CA THR B 77 -17.09 28.94 -3.70
C THR B 77 -18.61 28.94 -3.73
N GLY B 78 -19.23 29.87 -2.99
CA GLY B 78 -20.67 30.03 -3.03
C GLY B 78 -21.44 28.91 -2.37
N LEU B 79 -21.34 28.81 -1.05
CA LEU B 79 -21.88 27.69 -0.29
C LEU B 79 -23.41 27.69 -0.31
N GLN B 80 -23.97 26.52 -0.01
CA GLN B 80 -25.40 26.34 0.12
C GLN B 80 -25.69 25.60 1.42
N ALA B 81 -26.97 25.33 1.67
CA ALA B 81 -27.36 24.66 2.91
C ALA B 81 -27.00 23.18 2.90
N ASP B 82 -26.71 22.60 1.73
CA ASP B 82 -26.29 21.20 1.67
C ASP B 82 -24.85 21.02 2.14
N ASP B 83 -24.09 22.10 2.24
CA ASP B 83 -22.67 22.04 2.61
C ASP B 83 -22.48 22.26 4.11
N GLU B 84 -23.17 21.43 4.89
CA GLU B 84 -23.13 21.50 6.34
C GLU B 84 -22.63 20.16 6.86
N ALA B 85 -21.31 20.01 6.92
CA ALA B 85 -20.70 18.77 7.40
C ALA B 85 -19.27 19.06 7.83
N ASP B 86 -18.74 18.15 8.63
CA ASP B 86 -17.33 18.18 8.99
C ASP B 86 -16.48 17.77 7.79
N TYR B 87 -15.26 18.29 7.73
CA TYR B 87 -14.39 18.06 6.59
C TYR B 87 -13.02 17.62 7.06
N TYR B 88 -12.49 16.56 6.45
CA TYR B 88 -11.23 15.96 6.85
C TYR B 88 -10.30 15.91 5.66
N CYS B 89 -9.06 16.35 5.86
CA CYS B 89 -8.05 16.20 4.84
C CYS B 89 -7.44 14.81 4.93
N GLN B 90 -6.61 14.47 3.96
CA GLN B 90 -5.95 13.17 3.97
C GLN B 90 -4.62 13.32 3.22
N SER B 91 -3.72 12.36 3.47
CA SER B 91 -2.60 12.09 2.58
C SER B 91 -2.20 10.63 2.74
N TYR B 92 -0.96 10.31 2.36
CA TYR B 92 -0.35 9.03 2.66
C TYR B 92 1.03 9.30 3.20
N ASP B 93 1.37 8.69 4.33
CA ASP B 93 2.66 8.91 4.99
C ASP B 93 3.48 7.64 4.85
N SER B 94 4.54 7.69 4.04
CA SER B 94 5.43 6.55 3.85
C SER B 94 6.76 6.72 4.55
N SER B 95 6.77 7.30 5.75
CA SER B 95 7.96 7.23 6.58
C SER B 95 8.23 5.78 6.96
N LEU B 96 9.50 5.47 7.20
CA LEU B 96 9.91 4.07 7.32
C LEU B 96 9.29 3.44 8.56
N SER B 97 8.75 2.23 8.37
CA SER B 97 7.98 1.44 9.31
C SER B 97 6.69 2.12 9.76
N LEU B 98 6.13 3.06 8.99
CA LEU B 98 4.80 3.56 9.27
C LEU B 98 3.80 3.24 8.17
N SER B 99 4.01 3.75 6.95
CA SER B 99 3.24 3.42 5.74
C SER B 99 1.73 3.54 5.89
N ALA B 100 1.28 4.71 6.35
CA ALA B 100 -0.11 4.84 6.75
C ALA B 100 -0.77 5.99 6.02
N VAL B 101 -2.07 5.84 5.76
CA VAL B 101 -2.89 7.00 5.45
C VAL B 101 -3.01 7.85 6.70
N VAL B 102 -3.01 9.16 6.52
CA VAL B 102 -3.06 10.10 7.63
C VAL B 102 -4.29 10.97 7.42
N PHE B 103 -4.98 11.29 8.51
CA PHE B 103 -6.17 12.12 8.42
C PHE B 103 -5.92 13.46 9.07
N GLY B 104 -6.80 14.40 8.80
CA GLY B 104 -6.67 15.75 9.31
C GLY B 104 -7.29 15.91 10.68
N GLY B 105 -7.25 17.16 11.16
CA GLY B 105 -7.81 17.49 12.46
C GLY B 105 -9.31 17.63 12.45
N GLY B 106 -9.86 18.16 11.35
CA GLY B 106 -11.31 18.28 11.31
C GLY B 106 -11.74 19.74 11.33
N THR B 107 -12.38 20.15 10.24
CA THR B 107 -12.88 21.50 10.09
C THR B 107 -14.39 21.46 9.93
N LYS B 108 -15.12 22.16 10.79
CA LYS B 108 -16.55 22.26 10.65
C LYS B 108 -16.92 23.40 9.71
N LEU B 109 -17.92 23.16 8.86
CA LEU B 109 -18.35 24.15 7.88
C LEU B 109 -19.83 24.43 8.06
N THR B 110 -20.16 25.65 8.46
CA THR B 110 -21.53 26.09 8.67
C THR B 110 -21.84 27.26 7.74
N VAL B 111 -23.13 27.52 7.55
CA VAL B 111 -23.57 28.61 6.68
C VAL B 111 -24.19 29.73 7.51
N ASN C 1 40.57 -8.11 -4.07
CA ASN C 1 39.70 -7.10 -4.65
C ASN C 1 38.26 -7.20 -4.14
N LEU C 2 37.63 -6.04 -3.96
CA LEU C 2 36.26 -6.00 -3.49
C LEU C 2 35.30 -6.10 -4.66
N CYS C 3 34.61 -7.23 -4.76
CA CYS C 3 33.76 -7.55 -5.90
C CYS C 3 32.46 -6.75 -5.89
N PRO C 4 31.88 -6.49 -7.10
CA PRO C 4 30.87 -5.43 -7.22
C PRO C 4 29.53 -5.71 -6.58
N PHE C 5 29.42 -5.41 -5.29
CA PHE C 5 28.14 -5.24 -4.65
C PHE C 5 27.68 -3.80 -4.68
N GLY C 6 28.11 -3.04 -5.67
CA GLY C 6 27.76 -1.64 -5.78
C GLY C 6 27.01 -1.32 -7.06
N GLU C 7 27.32 -2.00 -8.16
CA GLU C 7 26.46 -1.89 -9.32
C GLU C 7 25.53 -3.09 -9.49
N VAL C 8 25.28 -3.83 -8.42
CA VAL C 8 24.06 -4.61 -8.31
C VAL C 8 23.10 -4.04 -7.27
N PHE C 9 23.54 -3.07 -6.45
CA PHE C 9 22.64 -2.39 -5.52
C PHE C 9 22.40 -0.93 -5.92
N ASN C 10 23.47 -0.16 -6.06
CA ASN C 10 23.35 1.23 -6.47
C ASN C 10 23.37 1.34 -7.99
N ALA C 11 22.53 0.55 -8.65
CA ALA C 11 22.45 0.56 -10.09
C ALA C 11 21.55 1.70 -10.54
N THR C 12 21.80 2.20 -11.75
CA THR C 12 20.92 3.20 -12.32
C THR C 12 19.55 2.61 -12.62
N ARG C 13 19.52 1.38 -13.13
CA ARG C 13 18.27 0.74 -13.50
C ARG C 13 18.35 -0.76 -13.24
N PHE C 14 17.38 -1.28 -12.50
CA PHE C 14 17.06 -2.70 -12.47
C PHE C 14 15.99 -3.04 -13.48
N ALA C 15 16.17 -4.19 -14.13
CA ALA C 15 15.24 -4.66 -15.12
C ALA C 15 13.98 -5.19 -14.46
N SER C 16 13.04 -5.63 -15.27
CA SER C 16 11.77 -6.08 -14.76
C SER C 16 11.91 -7.46 -14.12
N VAL C 17 10.81 -8.00 -13.62
CA VAL C 17 10.83 -9.32 -13.01
C VAL C 17 10.47 -10.41 -14.03
N TYR C 18 9.87 -10.07 -15.16
CA TYR C 18 9.67 -11.09 -16.17
C TYR C 18 10.98 -11.45 -16.88
N ALA C 19 11.91 -10.50 -16.95
CA ALA C 19 13.25 -10.73 -17.50
C ALA C 19 14.25 -10.19 -16.49
N TRP C 20 14.61 -11.01 -15.51
CA TRP C 20 15.46 -10.59 -14.40
C TRP C 20 16.92 -10.87 -14.72
N ASN C 21 17.80 -10.04 -14.18
CA ASN C 21 19.22 -10.15 -14.45
C ASN C 21 19.83 -11.34 -13.73
N ARG C 22 21.06 -11.68 -14.12
CA ARG C 22 21.82 -12.77 -13.51
C ARG C 22 23.29 -12.37 -13.60
N LYS C 23 23.79 -11.72 -12.57
CA LYS C 23 25.17 -11.26 -12.54
C LYS C 23 25.97 -12.19 -11.63
N ARG C 24 26.77 -13.06 -12.24
CA ARG C 24 27.56 -14.02 -11.48
C ARG C 24 28.72 -13.31 -10.80
N ILE C 25 28.75 -13.36 -9.48
CA ILE C 25 29.80 -12.74 -8.68
C ILE C 25 30.82 -13.84 -8.34
N SER C 26 32.07 -13.63 -8.74
CA SER C 26 33.09 -14.64 -8.51
C SER C 26 34.46 -13.97 -8.43
N ASN C 27 35.40 -14.69 -7.82
CA ASN C 27 36.82 -14.34 -7.71
C ASN C 27 37.02 -13.00 -7.01
N CYS C 28 36.65 -12.95 -5.73
CA CYS C 28 36.74 -11.71 -4.99
C CYS C 28 36.82 -12.00 -3.51
N VAL C 29 36.86 -10.93 -2.72
CA VAL C 29 36.43 -10.98 -1.34
C VAL C 29 35.06 -10.31 -1.26
N ALA C 30 34.06 -11.08 -0.85
CA ALA C 30 32.68 -10.61 -0.83
C ALA C 30 32.36 -10.20 0.59
N ASP C 31 32.45 -8.91 0.88
CA ASP C 31 32.21 -8.41 2.22
C ASP C 31 30.72 -8.12 2.36
N TYR C 32 30.04 -8.91 3.18
CA TYR C 32 28.63 -8.72 3.47
C TYR C 32 28.40 -7.88 4.72
N SER C 33 29.47 -7.47 5.41
CA SER C 33 29.29 -6.61 6.57
C SER C 33 28.97 -5.18 6.18
N VAL C 34 29.33 -4.78 4.96
CA VAL C 34 28.87 -3.49 4.43
C VAL C 34 27.43 -3.59 3.94
N LEU C 35 26.96 -4.82 3.75
CA LEU C 35 25.69 -5.10 3.10
C LEU C 35 24.58 -5.35 4.12
N TYR C 36 24.93 -5.93 5.27
CA TYR C 36 23.95 -6.15 6.34
C TYR C 36 23.84 -4.92 7.24
N ASN C 37 24.96 -4.26 7.51
CA ASN C 37 24.97 -3.09 8.40
C ASN C 37 24.63 -1.84 7.59
N SER C 38 23.37 -1.78 7.18
CA SER C 38 22.79 -0.62 6.53
C SER C 38 21.29 -0.66 6.77
N ALA C 39 20.70 0.50 7.06
CA ALA C 39 19.28 0.56 7.40
C ALA C 39 18.38 0.61 6.18
N SER C 40 18.94 0.61 4.97
CA SER C 40 18.12 0.77 3.78
C SER C 40 17.35 -0.49 3.44
N PHE C 41 17.96 -1.65 3.60
CA PHE C 41 17.38 -2.90 3.09
C PHE C 41 16.30 -3.37 4.05
N SER C 42 15.05 -3.36 3.58
CA SER C 42 13.93 -3.70 4.45
C SER C 42 13.76 -5.20 4.63
N THR C 43 14.10 -6.01 3.61
CA THR C 43 13.73 -7.41 3.63
C THR C 43 14.98 -8.25 3.48
N PHE C 44 15.99 -7.98 4.31
CA PHE C 44 17.18 -8.82 4.40
C PHE C 44 16.99 -9.84 5.53
N LYS C 45 15.98 -10.66 5.38
CA LYS C 45 15.86 -11.92 6.08
C LYS C 45 16.10 -13.03 5.06
N CYS C 46 16.70 -14.14 5.49
CA CYS C 46 17.14 -15.09 4.50
C CYS C 46 17.22 -16.52 5.02
N TYR C 47 17.62 -17.40 4.10
CA TYR C 47 17.30 -18.83 4.11
C TYR C 47 18.56 -19.63 3.86
N GLY C 48 18.79 -20.65 4.68
CA GLY C 48 19.93 -21.53 4.54
C GLY C 48 21.19 -21.05 5.21
N VAL C 49 21.50 -19.75 5.10
CA VAL C 49 22.66 -19.17 5.74
C VAL C 49 22.18 -18.08 6.69
N SER C 50 22.65 -18.14 7.94
CA SER C 50 22.39 -17.06 8.87
C SER C 50 23.10 -15.81 8.38
N PRO C 51 22.45 -14.64 8.39
CA PRO C 51 23.03 -13.46 7.71
C PRO C 51 24.30 -12.94 8.35
N THR C 52 24.52 -13.19 9.63
CA THR C 52 25.73 -12.70 10.27
C THR C 52 26.93 -13.57 9.96
N LYS C 53 26.73 -14.76 9.42
CA LYS C 53 27.83 -15.67 9.10
C LYS C 53 28.19 -15.67 7.62
N LEU C 54 27.70 -14.69 6.86
CA LEU C 54 27.98 -14.67 5.44
C LEU C 54 29.44 -14.34 5.15
N ASN C 55 30.04 -13.46 5.96
CA ASN C 55 31.42 -13.06 5.77
C ASN C 55 32.41 -14.02 6.38
N ASP C 56 31.95 -15.17 6.87
CA ASP C 56 32.81 -16.21 7.38
C ASP C 56 32.89 -17.41 6.46
N LEU C 57 32.20 -17.38 5.32
CA LEU C 57 32.12 -18.49 4.41
C LEU C 57 32.74 -18.15 3.07
N CYS C 58 33.22 -19.17 2.38
CA CYS C 58 33.65 -19.06 1.00
C CYS C 58 32.70 -19.87 0.14
N PHE C 59 32.12 -19.24 -0.88
CA PHE C 59 31.17 -19.90 -1.75
C PHE C 59 31.83 -20.24 -3.08
N THR C 60 31.20 -21.16 -3.80
CA THR C 60 31.70 -21.54 -5.12
C THR C 60 31.21 -20.55 -6.17
N ASN C 61 29.90 -20.40 -6.31
CA ASN C 61 29.31 -19.41 -7.20
C ASN C 61 28.37 -18.53 -6.40
N VAL C 62 28.43 -17.22 -6.63
CA VAL C 62 27.52 -16.26 -6.03
C VAL C 62 26.81 -15.54 -7.17
N TYR C 63 25.49 -15.59 -7.16
CA TYR C 63 24.71 -14.86 -8.15
C TYR C 63 24.14 -13.59 -7.52
N ALA C 64 23.48 -12.79 -8.34
CA ALA C 64 22.84 -11.56 -7.87
C ALA C 64 21.69 -11.25 -8.82
N ASP C 65 20.47 -11.57 -8.41
CA ASP C 65 19.33 -11.57 -9.33
C ASP C 65 18.62 -10.22 -9.20
N SER C 66 19.07 -9.27 -9.98
CA SER C 66 18.51 -7.93 -9.91
C SER C 66 17.16 -7.86 -10.61
N PHE C 67 16.15 -7.36 -9.90
CA PHE C 67 14.88 -6.98 -10.51
C PHE C 67 14.18 -6.00 -9.58
N VAL C 68 13.03 -5.49 -10.02
CA VAL C 68 12.20 -4.58 -9.24
C VAL C 68 10.74 -5.01 -9.34
N ILE C 69 10.04 -5.02 -8.21
CA ILE C 69 8.70 -5.58 -8.10
C ILE C 69 7.80 -4.69 -7.26
N ARG C 70 6.54 -5.07 -7.24
CA ARG C 70 5.52 -4.35 -6.50
C ARG C 70 5.75 -4.56 -5.02
N GLY C 71 5.28 -3.63 -4.19
CA GLY C 71 5.53 -3.70 -2.76
C GLY C 71 4.94 -4.90 -2.03
N ASP C 72 3.69 -5.25 -2.32
CA ASP C 72 3.09 -6.44 -1.74
C ASP C 72 3.79 -7.70 -2.23
N GLU C 73 4.16 -7.72 -3.51
CA GLU C 73 4.54 -8.97 -4.14
C GLU C 73 6.01 -9.31 -3.90
N VAL C 74 6.47 -9.16 -2.66
CA VAL C 74 7.85 -9.43 -2.29
C VAL C 74 7.93 -10.53 -1.26
N ARG C 75 6.81 -10.88 -0.61
CA ARG C 75 6.75 -12.11 0.14
C ARG C 75 6.81 -13.33 -0.76
N GLN C 76 6.50 -13.17 -2.04
CA GLN C 76 6.56 -14.26 -3.02
C GLN C 76 7.97 -14.56 -3.49
N ILE C 77 8.96 -13.75 -3.14
CA ILE C 77 10.36 -14.12 -3.38
C ILE C 77 10.81 -14.86 -2.14
N ALA C 78 10.46 -16.14 -2.07
CA ALA C 78 10.72 -16.97 -0.91
C ALA C 78 10.68 -18.42 -1.35
N PRO C 79 11.49 -19.29 -0.74
CA PRO C 79 11.46 -20.71 -1.13
C PRO C 79 10.16 -21.37 -0.70
N GLY C 80 9.48 -21.98 -1.66
CA GLY C 80 8.23 -22.66 -1.42
C GLY C 80 7.02 -21.76 -1.43
N GLN C 81 7.20 -20.45 -1.54
CA GLN C 81 6.07 -19.54 -1.56
C GLN C 81 5.48 -19.48 -2.96
N THR C 82 4.16 -19.44 -3.02
CA THR C 82 3.43 -19.49 -4.28
C THR C 82 2.53 -18.27 -4.37
N GLY C 83 2.48 -17.69 -5.57
CA GLY C 83 1.73 -16.47 -5.80
C GLY C 83 1.57 -16.23 -7.28
N LYS C 84 1.76 -15.00 -7.73
CA LYS C 84 1.71 -14.71 -9.15
C LYS C 84 3.10 -14.45 -9.72
N ILE C 85 3.90 -13.62 -9.03
CA ILE C 85 5.32 -13.49 -9.36
C ILE C 85 6.04 -14.80 -9.12
N ALA C 86 5.77 -15.43 -7.97
CA ALA C 86 6.43 -16.68 -7.61
C ALA C 86 6.07 -17.82 -8.53
N ASP C 87 4.91 -17.78 -9.16
CA ASP C 87 4.55 -18.81 -10.10
C ASP C 87 5.04 -18.51 -11.51
N TYR C 88 4.93 -17.26 -11.97
CA TYR C 88 5.03 -17.01 -13.40
C TYR C 88 6.22 -16.15 -13.79
N ASN C 89 6.88 -15.49 -12.84
CA ASN C 89 7.95 -14.54 -13.14
C ASN C 89 9.28 -14.92 -12.55
N TYR C 90 9.31 -15.35 -11.28
CA TYR C 90 10.57 -15.64 -10.60
C TYR C 90 10.28 -16.64 -9.50
N LYS C 91 10.76 -17.87 -9.65
CA LYS C 91 10.55 -18.92 -8.67
C LYS C 91 11.90 -19.28 -8.04
N LEU C 92 11.97 -19.18 -6.71
CA LEU C 92 13.12 -19.72 -6.01
C LEU C 92 13.00 -21.24 -5.85
N PRO C 93 14.12 -21.95 -5.81
CA PRO C 93 14.06 -23.37 -5.51
C PRO C 93 13.65 -23.63 -4.07
N ASP C 94 13.09 -24.81 -3.83
CA ASP C 94 12.68 -25.15 -2.48
C ASP C 94 13.85 -25.41 -1.56
N ASP C 95 15.01 -25.76 -2.11
CA ASP C 95 16.25 -25.95 -1.35
C ASP C 95 17.18 -24.76 -1.49
N PHE C 96 16.62 -23.56 -1.48
CA PHE C 96 17.36 -22.35 -1.78
C PHE C 96 18.34 -22.02 -0.66
N THR C 97 19.60 -21.80 -1.05
CA THR C 97 20.63 -21.29 -0.15
C THR C 97 21.09 -19.96 -0.71
N GLY C 98 20.92 -18.89 0.07
CA GLY C 98 21.20 -17.56 -0.41
C GLY C 98 20.45 -16.54 0.42
N CYS C 99 20.58 -15.28 0.01
CA CYS C 99 19.94 -14.23 0.80
C CYS C 99 19.33 -13.16 -0.10
N VAL C 100 17.99 -13.13 -0.12
CA VAL C 100 17.22 -12.10 -0.82
C VAL C 100 17.15 -10.83 0.02
N ILE C 101 17.39 -9.68 -0.62
CA ILE C 101 17.24 -8.39 0.02
C ILE C 101 16.26 -7.57 -0.82
N ALA C 102 15.75 -6.48 -0.23
CA ALA C 102 14.76 -5.62 -0.88
C ALA C 102 14.67 -4.26 -0.21
N TRP C 103 14.45 -3.21 -0.99
CA TRP C 103 14.24 -1.88 -0.40
C TRP C 103 13.33 -1.06 -1.29
N ASN C 104 12.69 -0.06 -0.68
CA ASN C 104 11.70 0.76 -1.36
C ASN C 104 12.37 1.82 -2.21
N SER C 105 11.81 2.05 -3.40
CA SER C 105 12.45 2.84 -4.44
C SER C 105 11.47 3.82 -5.07
N ASN C 106 10.77 4.59 -4.26
CA ASN C 106 9.89 5.60 -4.84
C ASN C 106 10.67 6.76 -5.41
N ASN C 107 11.85 7.01 -4.86
CA ASN C 107 12.67 8.11 -5.33
C ASN C 107 13.22 7.83 -6.72
N LEU C 108 13.39 6.56 -7.05
CA LEU C 108 14.11 6.15 -8.25
C LEU C 108 13.23 5.56 -9.33
N ASP C 109 12.33 4.64 -8.97
CA ASP C 109 11.58 3.86 -9.95
C ASP C 109 10.16 4.31 -10.13
N SER C 110 9.80 5.50 -9.64
CA SER C 110 8.41 5.94 -9.71
C SER C 110 8.39 7.43 -10.03
N LYS C 111 8.35 7.75 -11.31
CA LYS C 111 8.34 9.13 -11.77
C LYS C 111 6.90 9.65 -11.80
N VAL C 112 6.77 10.98 -11.82
CA VAL C 112 5.46 11.61 -11.73
C VAL C 112 4.66 11.34 -13.00
N GLY C 113 3.41 10.94 -12.81
CA GLY C 113 2.58 10.44 -13.88
C GLY C 113 2.66 8.94 -14.06
N GLY C 114 3.69 8.31 -13.53
CA GLY C 114 3.85 6.87 -13.59
C GLY C 114 5.19 6.48 -14.15
N ASN C 115 5.49 5.18 -13.99
CA ASN C 115 6.66 4.55 -14.61
C ASN C 115 6.19 3.20 -15.13
N TYR C 116 5.79 3.17 -16.40
CA TYR C 116 5.22 1.99 -17.02
C TYR C 116 6.28 1.07 -17.61
N ASN C 117 7.55 1.28 -17.25
CA ASN C 117 8.62 0.44 -17.77
C ASN C 117 8.58 -0.95 -17.18
N TYR C 118 8.27 -1.07 -15.89
CA TYR C 118 8.39 -2.35 -15.21
C TYR C 118 7.12 -3.16 -15.38
N ARG C 119 7.25 -4.30 -16.04
CA ARG C 119 6.14 -5.16 -16.40
C ARG C 119 6.38 -6.55 -15.82
N TYR C 120 5.29 -7.29 -15.61
CA TYR C 120 5.36 -8.61 -15.01
C TYR C 120 4.46 -9.58 -15.77
N ARG C 121 4.87 -10.86 -15.79
CA ARG C 121 4.14 -11.89 -16.53
C ARG C 121 2.87 -12.21 -15.78
N LEU C 122 1.73 -11.77 -16.30
CA LEU C 122 0.47 -12.06 -15.64
C LEU C 122 0.06 -13.51 -15.90
N PHE C 123 0.29 -14.01 -17.11
CA PHE C 123 -0.14 -15.33 -17.51
C PHE C 123 1.02 -16.13 -18.09
N ARG C 124 0.93 -17.45 -17.93
CA ARG C 124 1.74 -18.45 -18.63
C ARG C 124 0.99 -19.76 -18.56
N LYS C 125 1.18 -20.61 -19.57
CA LYS C 125 0.46 -21.87 -19.65
C LYS C 125 0.87 -22.85 -18.55
N SER C 126 2.03 -22.63 -17.94
CA SER C 126 2.47 -23.53 -16.87
C SER C 126 3.24 -22.76 -15.81
N ASN C 127 3.32 -23.36 -14.63
CA ASN C 127 4.13 -22.84 -13.54
C ASN C 127 5.61 -22.91 -13.90
N LEU C 128 6.40 -22.05 -13.27
CA LEU C 128 7.83 -22.01 -13.54
C LEU C 128 8.57 -23.19 -12.94
N LYS C 129 9.60 -23.62 -13.64
CA LYS C 129 10.69 -24.29 -12.97
C LYS C 129 11.51 -23.23 -12.23
N PRO C 130 12.11 -23.58 -11.08
CA PRO C 130 12.94 -22.61 -10.36
C PRO C 130 14.11 -22.08 -11.17
N PHE C 131 14.39 -20.78 -11.00
CA PHE C 131 15.46 -20.04 -11.67
C PHE C 131 15.36 -20.11 -13.18
N GLU C 132 14.13 -20.05 -13.68
CA GLU C 132 13.86 -20.02 -15.11
C GLU C 132 13.22 -18.68 -15.46
N ARG C 133 13.68 -18.08 -16.55
CA ARG C 133 13.17 -16.81 -17.04
C ARG C 133 12.64 -17.03 -18.45
N ASP C 134 11.58 -16.31 -18.80
CA ASP C 134 10.87 -16.56 -20.05
C ASP C 134 10.52 -15.19 -20.62
N ILE C 135 11.37 -14.69 -21.52
CA ILE C 135 11.09 -13.47 -22.25
C ILE C 135 10.39 -13.87 -23.56
N SER C 136 9.07 -13.91 -23.51
CA SER C 136 8.26 -14.31 -24.66
C SER C 136 7.24 -13.23 -24.99
N THR C 137 6.68 -13.35 -26.19
CA THR C 137 5.68 -12.40 -26.67
C THR C 137 4.47 -13.08 -27.28
N GLU C 138 4.35 -14.40 -27.14
CA GLU C 138 3.19 -15.09 -27.69
C GLU C 138 1.95 -14.75 -26.87
N ILE C 139 0.83 -14.57 -27.56
CA ILE C 139 -0.41 -14.18 -26.89
C ILE C 139 -0.94 -15.38 -26.14
N TYR C 140 -1.20 -15.20 -24.85
CA TYR C 140 -1.68 -16.31 -24.02
C TYR C 140 -3.09 -16.71 -24.40
N GLN C 141 -3.33 -18.01 -24.45
CA GLN C 141 -4.61 -18.58 -24.80
C GLN C 141 -5.31 -19.04 -23.52
N ALA C 142 -6.40 -18.38 -23.17
CA ALA C 142 -7.10 -18.65 -21.91
C ALA C 142 -8.33 -19.52 -22.09
N GLY C 143 -9.16 -19.22 -23.09
CA GLY C 143 -10.40 -19.93 -23.30
C GLY C 143 -10.20 -21.20 -24.10
N SER C 144 -11.32 -21.75 -24.57
CA SER C 144 -11.27 -23.00 -25.32
C SER C 144 -10.78 -22.76 -26.75
N LYS C 145 -10.94 -21.54 -27.26
CA LYS C 145 -10.66 -21.22 -28.66
C LYS C 145 -9.17 -20.94 -28.91
N PRO C 146 -8.51 -21.67 -29.82
CA PRO C 146 -7.12 -21.35 -30.18
C PRO C 146 -7.03 -20.20 -31.17
N CYS C 147 -7.00 -18.97 -30.64
CA CYS C 147 -6.99 -17.80 -31.52
C CYS C 147 -5.67 -17.68 -32.28
N ASN C 148 -4.55 -17.67 -31.55
CA ASN C 148 -3.18 -17.58 -32.09
C ASN C 148 -3.00 -16.37 -33.00
N GLY C 149 -3.59 -15.25 -32.61
CA GLY C 149 -3.60 -14.07 -33.44
C GLY C 149 -3.61 -12.79 -32.66
N VAL C 150 -4.50 -11.87 -33.03
CA VAL C 150 -4.63 -10.61 -32.32
C VAL C 150 -5.21 -10.86 -30.93
N GLU C 151 -4.95 -9.92 -30.03
CA GLU C 151 -5.36 -10.06 -28.63
C GLU C 151 -6.87 -9.86 -28.54
N GLY C 152 -7.62 -10.95 -28.65
CA GLY C 152 -9.05 -10.93 -28.52
C GLY C 152 -9.51 -11.31 -27.13
N PHE C 153 -10.80 -11.62 -27.04
CA PHE C 153 -11.36 -12.08 -25.78
C PHE C 153 -10.87 -13.49 -25.50
N ASN C 154 -10.47 -13.75 -24.25
CA ASN C 154 -9.70 -14.92 -23.80
C ASN C 154 -8.38 -15.08 -24.55
N CYS C 155 -7.77 -13.98 -25.01
CA CYS C 155 -6.48 -14.01 -25.70
C CYS C 155 -5.70 -12.79 -25.22
N TYR C 156 -4.87 -12.99 -24.20
CA TYR C 156 -4.19 -11.88 -23.53
C TYR C 156 -2.70 -11.87 -23.83
N PHE C 157 -2.15 -10.68 -23.97
CA PHE C 157 -0.73 -10.48 -23.87
C PHE C 157 -0.32 -10.85 -22.45
N PRO C 158 0.72 -11.65 -22.24
CA PRO C 158 1.02 -12.13 -20.88
C PRO C 158 1.57 -11.05 -19.96
N LEU C 159 2.22 -10.05 -20.50
CA LEU C 159 2.76 -8.99 -19.65
C LEU C 159 1.71 -7.94 -19.37
N GLN C 160 1.91 -7.22 -18.27
CA GLN C 160 1.13 -6.04 -17.99
C GLN C 160 1.99 -5.13 -17.13
N SER C 161 1.84 -3.82 -17.31
CA SER C 161 2.67 -2.88 -16.60
C SER C 161 2.26 -2.80 -15.13
N TYR C 162 3.25 -2.58 -14.27
CA TYR C 162 3.03 -2.29 -12.86
C TYR C 162 2.37 -0.95 -12.61
N GLY C 163 2.75 0.09 -13.33
CA GLY C 163 2.15 1.39 -13.11
C GLY C 163 2.61 2.01 -11.80
N PHE C 164 3.88 2.38 -11.74
CA PHE C 164 4.48 2.83 -10.49
C PHE C 164 4.30 4.33 -10.36
N GLN C 165 3.07 4.74 -10.07
CA GLN C 165 2.77 6.14 -9.79
C GLN C 165 3.34 6.53 -8.43
N PRO C 166 3.74 7.79 -8.25
CA PRO C 166 4.35 8.19 -6.97
C PRO C 166 3.36 8.29 -5.83
N THR C 167 2.08 8.45 -6.12
CA THR C 167 1.07 8.52 -5.09
C THR C 167 0.73 7.16 -4.50
N ASN C 168 1.14 6.08 -5.17
CA ASN C 168 0.74 4.73 -4.81
C ASN C 168 1.28 4.33 -3.45
N GLY C 169 0.55 3.49 -2.77
CA GLY C 169 0.92 3.10 -1.43
C GLY C 169 1.91 1.99 -1.44
N VAL C 170 2.43 1.68 -0.25
CA VAL C 170 3.52 0.74 -0.08
C VAL C 170 3.13 -0.67 -0.47
N GLY C 171 1.83 -0.95 -0.54
CA GLY C 171 1.38 -2.15 -1.21
C GLY C 171 1.76 -2.20 -2.67
N TYR C 172 1.78 -1.06 -3.35
CA TYR C 172 2.10 -0.99 -4.78
C TYR C 172 3.37 -0.21 -5.06
N GLN C 173 4.12 0.05 -4.09
CA GLN C 173 5.30 0.89 -4.31
C GLN C 173 6.44 0.05 -4.86
N PRO C 174 7.34 0.63 -5.68
CA PRO C 174 8.38 -0.18 -6.32
C PRO C 174 9.47 -0.65 -5.38
N TYR C 175 9.48 -1.93 -5.05
CA TYR C 175 10.51 -2.50 -4.20
C TYR C 175 11.58 -3.16 -5.07
N ARG C 176 12.83 -2.86 -4.76
CA ARG C 176 13.99 -3.20 -5.59
C ARG C 176 14.68 -4.40 -4.94
N VAL C 177 14.63 -5.53 -5.62
CA VAL C 177 15.01 -6.79 -4.99
C VAL C 177 16.29 -7.32 -5.62
N VAL C 178 17.23 -7.75 -4.79
CA VAL C 178 18.40 -8.50 -5.23
C VAL C 178 18.40 -9.82 -4.51
N VAL C 179 18.44 -10.92 -5.27
CA VAL C 179 18.35 -12.26 -4.73
C VAL C 179 19.71 -12.92 -4.89
N LEU C 180 20.50 -12.95 -3.82
CA LEU C 180 21.76 -13.66 -3.87
C LEU C 180 21.52 -15.16 -3.77
N SER C 181 22.32 -15.94 -4.49
CA SER C 181 22.26 -17.38 -4.41
C SER C 181 23.67 -17.93 -4.37
N PHE C 182 23.86 -18.98 -3.58
CA PHE C 182 25.18 -19.55 -3.30
C PHE C 182 25.21 -21.00 -3.77
N GLU C 183 26.24 -21.71 -3.32
CA GLU C 183 26.49 -23.13 -3.60
C GLU C 183 25.28 -24.07 -3.44
#